data_3U6E
#
_entry.id   3U6E
#
_cell.length_a   45.188
_cell.length_b   93.541
_cell.length_c   104.650
_cell.angle_alpha   90.00
_cell.angle_beta   90.00
_cell.angle_gamma   90.00
#
_symmetry.space_group_name_H-M   'P 21 21 21'
#
loop_
_entity.id
_entity.type
_entity.pdbx_description
1 polymer 'Formamidopyrimidine-DNA glycosylase'
2 polymer "DNA (5'-D(*A*GP*GP*TP*AP*GP*AP*TP*CP*CP*AP*GP*AP*CP*GP*C)-3')"
3 polymer "DNA (5'-D(*TP*GP*CP*GP*TP*CP*TP*(8OG)P*GP*AP*(08Q)P*CP*TP*AP*CP*C)-3')"
4 non-polymer 'ZINC ION'
5 water water
#
loop_
_entity_poly.entity_id
_entity_poly.type
_entity_poly.pdbx_seq_one_letter_code
_entity_poly.pdbx_strand_id
1 'polypeptide(L)'
;PQLPEVETIRRTLLPLIVGKTIEDVRIFWPNIIRHPRDSEAFAARMIGQTVRGLERRGKFLKFLLDRDALISHLRMEGRY
AVASALEPLEPHTHVVFCFTDGSELRYRDVRKFGTMHVYAKEEADRRPPLAELGPEPLSPAFSPAVLAERAVKTKRSVKA
LLLDCTVVAGFGNIYVDESLFRAGILPGRPAASLSSKEIERLHEEMVATIGEAVMKGGSTPRTYVNTQGEAGTFQHHLYV
YGRQGNPCKRCGTPIEKTVVAGRGTHYCPRCQR
;
A
2 'polydeoxyribonucleotide' (DA)(DG)(DG)(DT)(DA)(DG)(DA)(DT)(DC)(DC)(DA)(DG)(DA)(DC)(DG)(DC) B
3 'polydeoxyribonucleotide' (DT)(DG)(DC)(DG)(DT)(DC)(DT)(8OG)(DG)(DA)(08Q)(DC)(DT)(DA)(DC)(DC) C
#
# COMPACT_ATOMS: atom_id res chain seq x y z
N PRO A 1 0.14 6.69 3.05
CA PRO A 1 -1.25 6.31 2.76
C PRO A 1 -1.45 4.80 2.80
N GLN A 2 -2.59 4.37 3.31
CA GLN A 2 -2.91 2.94 3.30
C GLN A 2 -3.73 2.59 2.06
N LEU A 3 -4.03 1.31 1.89
CA LEU A 3 -4.66 0.82 0.68
C LEU A 3 -5.89 1.63 0.23
N PRO A 4 -6.83 1.89 1.16
CA PRO A 4 -8.00 2.68 0.75
C PRO A 4 -7.62 4.06 0.22
N GLU A 5 -6.64 4.72 0.84
CA GLU A 5 -6.19 6.02 0.39
C GLU A 5 -5.52 5.90 -0.98
N VAL A 6 -4.76 4.82 -1.19
CA VAL A 6 -4.12 4.61 -2.49
C VAL A 6 -5.17 4.42 -3.59
N GLU A 7 -6.24 3.72 -3.27
CA GLU A 7 -7.33 3.55 -4.23
C GLU A 7 -7.97 4.89 -4.56
N THR A 8 -8.13 5.74 -3.55
CA THR A 8 -8.67 7.08 -3.78
C THR A 8 -7.76 7.86 -4.70
N ILE A 9 -6.46 7.74 -4.48
CA ILE A 9 -5.47 8.41 -5.32
C ILE A 9 -5.56 7.91 -6.77
N ARG A 10 -5.64 6.60 -6.94
CA ARG A 10 -5.77 6.01 -8.26
C ARG A 10 -6.97 6.61 -9.00
N ARG A 11 -8.11 6.64 -8.31
CA ARG A 11 -9.36 7.10 -8.89
CA ARG A 11 -9.35 7.11 -8.90
C ARG A 11 -9.33 8.60 -9.23
N THR A 12 -8.78 9.40 -8.34
CA THR A 12 -8.79 10.84 -8.52
C THR A 12 -7.68 11.36 -9.43
N LEU A 13 -6.55 10.67 -9.43
CA LEU A 13 -5.38 11.12 -10.19
C LEU A 13 -5.55 10.83 -11.68
N LEU A 14 -6.18 9.70 -12.01
CA LEU A 14 -6.28 9.27 -13.40
C LEU A 14 -6.80 10.33 -14.37
N PRO A 15 -7.95 10.94 -14.08
CA PRO A 15 -8.46 11.92 -15.05
C PRO A 15 -7.56 13.14 -15.18
N LEU A 16 -6.73 13.41 -14.18
CA LEU A 16 -5.85 14.57 -14.20
C LEU A 16 -4.60 14.35 -15.05
N ILE A 17 -4.33 13.10 -15.43
CA ILE A 17 -3.13 12.81 -16.21
C ILE A 17 -3.37 12.00 -17.49
N VAL A 18 -4.52 11.35 -17.60
CA VAL A 18 -4.74 10.50 -18.76
C VAL A 18 -4.66 11.30 -20.06
N GLY A 19 -3.95 10.75 -21.04
CA GLY A 19 -3.85 11.36 -22.34
C GLY A 19 -2.75 12.40 -22.45
N LYS A 20 -2.09 12.69 -21.34
CA LYS A 20 -0.98 13.63 -21.36
C LYS A 20 0.32 12.93 -21.75
N THR A 21 1.18 13.65 -22.46
CA THR A 21 2.41 13.10 -22.98
C THR A 21 3.60 13.64 -22.19
N ILE A 22 4.48 12.76 -21.76
CA ILE A 22 5.64 13.18 -20.98
C ILE A 22 6.67 13.89 -21.86
N GLU A 23 7.07 15.08 -21.44
CA GLU A 23 8.12 15.82 -22.17
C GLU A 23 9.47 15.81 -21.42
N ASP A 24 9.42 15.65 -20.11
CA ASP A 24 10.64 15.63 -19.30
C ASP A 24 10.35 14.91 -17.98
N VAL A 25 11.40 14.36 -17.38
CA VAL A 25 11.30 13.75 -16.07
C VAL A 25 12.47 14.28 -15.26
N ARG A 26 12.17 14.92 -14.15
CA ARG A 26 13.21 15.57 -13.34
C ARG A 26 13.29 14.88 -11.99
N ILE A 27 14.50 14.52 -11.59
CA ILE A 27 14.70 13.72 -10.39
C ILE A 27 15.64 14.43 -9.41
N PHE A 28 15.16 14.67 -8.20
CA PHE A 28 15.94 15.43 -7.22
C PHE A 28 16.43 14.57 -6.05
N TRP A 29 15.95 13.34 -5.98
CA TRP A 29 16.48 12.33 -5.06
C TRP A 29 16.50 11.00 -5.79
N PRO A 30 17.61 10.69 -6.46
CA PRO A 30 17.66 9.53 -7.35
C PRO A 30 17.45 8.20 -6.65
N ASN A 31 17.69 8.13 -5.34
CA ASN A 31 17.49 6.88 -4.60
C ASN A 31 16.06 6.34 -4.67
N ILE A 32 15.10 7.22 -4.90
CA ILE A 32 13.71 6.83 -5.13
C ILE A 32 13.59 5.89 -6.33
N ILE A 33 14.42 6.13 -7.34
CA ILE A 33 14.41 5.34 -8.57
C ILE A 33 15.10 4.00 -8.36
N ARG A 34 14.34 2.91 -8.46
CA ARG A 34 14.88 1.58 -8.21
C ARG A 34 15.16 0.77 -9.49
N HIS A 35 14.39 1.02 -10.54
CA HIS A 35 14.67 0.42 -11.84
C HIS A 35 14.14 1.27 -12.97
N PRO A 36 14.94 1.48 -14.02
CA PRO A 36 16.35 1.10 -14.15
C PRO A 36 17.15 1.67 -12.99
N ARG A 37 18.27 1.03 -12.65
CA ARG A 37 19.09 1.48 -11.53
C ARG A 37 19.53 2.92 -11.75
N ASP A 38 19.87 3.25 -13.00
CA ASP A 38 20.32 4.57 -13.39
C ASP A 38 19.13 5.50 -13.56
N SER A 39 19.05 6.53 -12.71
CA SER A 39 17.92 7.46 -12.78
C SER A 39 17.86 8.17 -14.14
N GLU A 40 19.01 8.31 -14.79
CA GLU A 40 19.04 8.96 -16.11
C GLU A 40 18.35 8.10 -17.18
N ALA A 41 18.45 6.79 -17.04
CA ALA A 41 17.79 5.87 -17.97
C ALA A 41 16.29 5.85 -17.71
N PHE A 42 15.91 5.90 -16.43
CA PHE A 42 14.52 6.01 -16.01
C PHE A 42 13.88 7.23 -16.68
N ALA A 43 14.53 8.38 -16.55
CA ALA A 43 13.98 9.61 -17.12
C ALA A 43 13.88 9.52 -18.65
N ALA A 44 14.96 9.07 -19.28
CA ALA A 44 15.04 9.06 -20.74
C ALA A 44 13.95 8.20 -21.38
N ARG A 45 13.69 7.03 -20.81
CA ARG A 45 12.78 6.10 -21.47
C ARG A 45 11.32 6.57 -21.42
N MET A 46 10.99 7.36 -20.40
CA MET A 46 9.61 7.80 -20.22
CA MET A 46 9.63 7.83 -20.19
C MET A 46 9.25 8.96 -21.14
N ILE A 47 10.24 9.74 -21.53
CA ILE A 47 10.00 10.88 -22.41
C ILE A 47 9.36 10.45 -23.74
N GLY A 48 8.27 11.11 -24.10
CA GLY A 48 7.59 10.81 -25.35
C GLY A 48 6.41 9.87 -25.20
N GLN A 49 6.30 9.25 -24.02
CA GLN A 49 5.19 8.35 -23.76
C GLN A 49 3.98 9.09 -23.20
N THR A 50 2.80 8.59 -23.56
CA THR A 50 1.54 9.18 -23.11
C THR A 50 0.94 8.31 -22.02
N VAL A 51 0.36 8.95 -21.00
CA VAL A 51 -0.29 8.23 -19.91
C VAL A 51 -1.61 7.65 -20.42
N ARG A 52 -1.78 6.35 -20.29
CA ARG A 52 -2.98 5.69 -20.82
C ARG A 52 -3.91 5.16 -19.73
N GLY A 53 -3.37 4.88 -18.55
CA GLY A 53 -4.17 4.35 -17.47
C GLY A 53 -3.48 4.35 -16.12
N LEU A 54 -4.22 3.99 -15.08
CA LEU A 54 -3.69 3.98 -13.73
C LEU A 54 -4.41 2.90 -12.95
N GLU A 55 -3.65 1.94 -12.45
CA GLU A 55 -4.22 0.80 -11.73
C GLU A 55 -3.57 0.70 -10.37
N ARG A 56 -4.16 -0.09 -9.48
CA ARG A 56 -3.59 -0.30 -8.15
C ARG A 56 -3.43 -1.79 -7.91
N ARG A 57 -2.32 -2.16 -7.30
CA ARG A 57 -2.12 -3.51 -6.78
C ARG A 57 -1.57 -3.39 -5.37
N GLY A 58 -2.35 -3.81 -4.38
CA GLY A 58 -1.98 -3.57 -3.00
C GLY A 58 -1.88 -2.08 -2.76
N LYS A 59 -0.75 -1.62 -2.25
CA LYS A 59 -0.53 -0.20 -2.06
C LYS A 59 0.34 0.39 -3.17
N PHE A 60 0.64 -0.42 -4.18
CA PHE A 60 1.36 0.06 -5.38
C PHE A 60 0.42 0.71 -6.39
N LEU A 61 0.85 1.83 -6.96
CA LEU A 61 0.18 2.41 -8.11
C LEU A 61 0.92 1.97 -9.37
N LYS A 62 0.16 1.59 -10.40
CA LYS A 62 0.74 1.21 -11.68
C LYS A 62 0.27 2.18 -12.75
N PHE A 63 1.16 3.09 -13.13
CA PHE A 63 0.88 4.03 -14.22
C PHE A 63 1.14 3.31 -15.54
N LEU A 64 0.15 3.28 -16.42
CA LEU A 64 0.30 2.62 -17.70
C LEU A 64 0.54 3.66 -18.78
N LEU A 65 1.68 3.54 -19.45
CA LEU A 65 2.05 4.46 -20.53
C LEU A 65 1.88 3.75 -21.87
N ASP A 66 2.58 4.21 -22.90
CA ASP A 66 2.46 3.57 -24.21
C ASP A 66 3.14 2.21 -24.23
N ARG A 67 4.40 2.19 -23.86
CA ARG A 67 5.19 0.97 -23.85
C ARG A 67 5.46 0.48 -22.42
N ASP A 68 5.69 1.42 -21.52
CA ASP A 68 6.11 1.10 -20.17
C ASP A 68 5.02 1.21 -19.12
N ALA A 69 5.27 0.59 -17.96
CA ALA A 69 4.48 0.83 -16.75
C ALA A 69 5.40 1.41 -15.69
N LEU A 70 4.89 2.39 -14.94
CA LEU A 70 5.60 2.95 -13.79
C LEU A 70 4.94 2.42 -12.52
N ILE A 71 5.71 1.70 -11.72
CA ILE A 71 5.20 1.14 -10.47
C ILE A 71 5.70 2.00 -9.32
N SER A 72 4.75 2.58 -8.57
CA SER A 72 5.09 3.56 -7.55
C SER A 72 4.49 3.15 -6.19
N HIS A 73 5.32 3.22 -5.15
CA HIS A 73 4.86 3.00 -3.77
C HIS A 73 5.16 4.24 -2.95
N LEU A 74 4.16 4.74 -2.22
CA LEU A 74 4.31 6.00 -1.49
C LEU A 74 4.84 5.80 -0.07
N ARG A 75 4.89 4.56 0.38
CA ARG A 75 5.23 4.25 1.77
C ARG A 75 4.41 5.13 2.72
N MET A 76 5.03 5.62 3.79
CA MET A 76 4.27 6.32 4.83
C MET A 76 3.68 7.66 4.39
N GLU A 77 4.47 8.46 3.68
CA GLU A 77 4.12 9.86 3.50
C GLU A 77 4.22 10.39 2.06
N GLY A 78 4.42 9.50 1.10
CA GLY A 78 4.48 9.91 -0.29
C GLY A 78 3.17 10.50 -0.75
N ARG A 79 3.23 11.44 -1.69
CA ARG A 79 2.03 12.09 -2.20
C ARG A 79 2.22 12.58 -3.63
N TYR A 80 1.17 12.48 -4.44
CA TYR A 80 1.18 12.99 -5.82
C TYR A 80 0.29 14.21 -5.94
N ALA A 81 0.68 15.14 -6.82
CA ALA A 81 -0.15 16.29 -7.13
C ALA A 81 0.07 16.67 -8.58
N VAL A 82 -0.96 17.22 -9.22
CA VAL A 82 -0.82 17.73 -10.58
C VAL A 82 -0.95 19.25 -10.54
N ALA A 83 0.02 19.93 -11.11
CA ALA A 83 0.05 21.39 -11.03
C ALA A 83 0.85 21.98 -12.18
N SER A 84 0.85 23.31 -12.24
CA SER A 84 1.47 24.02 -13.35
C SER A 84 2.99 24.10 -13.22
N ALA A 85 3.68 23.93 -14.33
CA ALA A 85 5.13 24.08 -14.38
C ALA A 85 5.55 25.51 -14.10
N LEU A 86 4.59 26.44 -14.07
CA LEU A 86 4.91 27.85 -13.85
C LEU A 86 5.03 28.22 -12.37
N GLU A 87 4.52 27.35 -11.50
CA GLU A 87 4.49 27.63 -10.07
C GLU A 87 5.66 26.97 -9.34
N PRO A 88 6.11 27.57 -8.23
CA PRO A 88 7.19 26.95 -7.45
C PRO A 88 6.78 25.60 -6.90
N LEU A 89 7.71 24.64 -6.90
CA LEU A 89 7.45 23.34 -6.30
C LEU A 89 7.26 23.44 -4.79
N GLU A 90 6.44 22.56 -4.24
CA GLU A 90 6.30 22.46 -2.79
C GLU A 90 7.54 21.79 -2.20
N PRO A 91 7.77 21.97 -0.90
CA PRO A 91 8.91 21.32 -0.23
C PRO A 91 8.87 19.80 -0.36
N HIS A 92 10.05 19.19 -0.41
CA HIS A 92 10.17 17.72 -0.42
C HIS A 92 9.66 17.09 -1.71
N THR A 93 9.74 17.83 -2.81
CA THR A 93 9.40 17.27 -4.12
C THR A 93 10.63 16.60 -4.73
N HIS A 94 10.53 15.30 -4.95
CA HIS A 94 11.69 14.52 -5.35
C HIS A 94 11.69 14.03 -6.79
N VAL A 95 10.51 13.88 -7.38
CA VAL A 95 10.39 13.48 -8.78
C VAL A 95 9.28 14.28 -9.43
N VAL A 96 9.52 14.79 -10.63
CA VAL A 96 8.50 15.53 -11.36
C VAL A 96 8.41 15.03 -12.80
N PHE A 97 7.19 14.67 -13.22
CA PHE A 97 6.94 14.32 -14.61
C PHE A 97 6.29 15.51 -15.30
N CYS A 98 7.00 16.06 -16.29
CA CYS A 98 6.55 17.26 -17.00
C CYS A 98 5.82 16.85 -18.28
N PHE A 99 4.60 17.34 -18.45
CA PHE A 99 3.78 17.01 -19.63
C PHE A 99 3.87 18.11 -20.69
N THR A 100 3.52 17.76 -21.93
CA THR A 100 3.66 18.70 -23.04
C THR A 100 2.67 19.87 -22.94
N ASP A 101 1.68 19.75 -22.06
CA ASP A 101 0.68 20.80 -21.90
C ASP A 101 1.04 21.79 -20.79
N GLY A 102 2.25 21.71 -20.29
CA GLY A 102 2.71 22.65 -19.28
C GLY A 102 2.30 22.29 -17.85
N SER A 103 1.60 21.17 -17.70
CA SER A 103 1.31 20.64 -16.37
C SER A 103 2.35 19.61 -15.96
N GLU A 104 2.33 19.23 -14.68
CA GLU A 104 3.32 18.34 -14.09
C GLU A 104 2.65 17.40 -13.11
N LEU A 105 3.13 16.16 -13.06
CA LEU A 105 2.80 15.24 -11.98
C LEU A 105 3.97 15.26 -11.01
N ARG A 106 3.73 15.71 -9.79
CA ARG A 106 4.81 15.84 -8.82
C ARG A 106 4.71 14.82 -7.71
N TYR A 107 5.85 14.24 -7.37
CA TYR A 107 5.93 13.30 -6.26
C TYR A 107 6.66 13.93 -5.07
N ARG A 108 5.95 14.08 -3.95
N ARG A 108 5.94 14.06 -3.94
CA ARG A 108 6.55 14.61 -2.72
CA ARG A 108 6.46 14.64 -2.69
C ARG A 108 6.66 13.48 -1.70
C ARG A 108 6.58 13.55 -1.61
N ASP A 109 7.66 13.58 -0.83
CA ASP A 109 7.88 12.56 0.19
C ASP A 109 8.88 13.05 1.23
N VAL A 110 8.38 13.59 2.34
CA VAL A 110 9.27 14.13 3.36
C VAL A 110 10.28 13.08 3.84
N ARG A 111 9.85 11.83 3.91
CA ARG A 111 10.69 10.75 4.44
C ARG A 111 11.59 10.10 3.38
N LYS A 112 11.28 10.32 2.10
CA LYS A 112 12.06 9.75 0.99
C LYS A 112 12.06 8.23 0.97
N PHE A 113 11.01 7.60 1.48
CA PHE A 113 10.96 6.14 1.53
C PHE A 113 10.33 5.52 0.29
N GLY A 114 9.60 6.33 -0.46
CA GLY A 114 8.88 5.83 -1.62
C GLY A 114 9.81 5.27 -2.69
N THR A 115 9.25 4.45 -3.56
CA THR A 115 10.02 3.79 -4.60
C THR A 115 9.34 3.90 -5.96
N MET A 116 10.14 3.90 -7.02
CA MET A 116 9.62 3.86 -8.38
C MET A 116 10.40 2.84 -9.23
N HIS A 117 9.66 2.00 -9.95
CA HIS A 117 10.25 1.04 -10.89
C HIS A 117 9.55 1.21 -12.24
N VAL A 118 10.31 1.20 -13.33
CA VAL A 118 9.72 1.22 -14.67
C VAL A 118 10.19 0.01 -15.47
N TYR A 119 9.24 -0.69 -16.08
CA TYR A 119 9.53 -1.82 -16.97
C TYR A 119 8.56 -1.74 -18.14
N ALA A 120 8.91 -2.43 -19.23
CA ALA A 120 7.92 -2.67 -20.29
C ALA A 120 6.66 -3.23 -19.63
N LYS A 121 5.50 -2.77 -20.09
CA LYS A 121 4.24 -3.16 -19.45
C LYS A 121 4.12 -4.66 -19.21
N GLU A 122 4.52 -5.45 -20.20
CA GLU A 122 4.35 -6.89 -20.14
C GLU A 122 5.26 -7.57 -19.12
N GLU A 123 6.25 -6.83 -18.64
CA GLU A 123 7.21 -7.37 -17.67
C GLU A 123 6.85 -6.98 -16.23
N ALA A 124 6.06 -5.93 -16.08
CA ALA A 124 5.83 -5.33 -14.77
C ALA A 124 5.36 -6.35 -13.73
N ASP A 125 4.40 -7.17 -14.11
CA ASP A 125 3.80 -8.08 -13.14
C ASP A 125 4.73 -9.22 -12.71
N ARG A 126 5.77 -9.47 -13.49
CA ARG A 126 6.69 -10.57 -13.19
C ARG A 126 8.04 -10.11 -12.63
N ARG A 127 8.14 -8.82 -12.31
CA ARG A 127 9.37 -8.26 -11.76
C ARG A 127 9.06 -7.58 -10.42
N PRO A 128 10.10 -7.30 -9.62
CA PRO A 128 9.85 -6.53 -8.40
C PRO A 128 9.38 -5.13 -8.76
N PRO A 129 8.54 -4.51 -7.92
CA PRO A 129 8.10 -5.04 -6.62
C PRO A 129 6.74 -5.77 -6.67
N LEU A 130 6.19 -5.99 -7.86
CA LEU A 130 4.89 -6.62 -7.99
C LEU A 130 4.96 -8.14 -7.98
N ALA A 131 6.12 -8.67 -8.36
CA ALA A 131 6.31 -10.11 -8.34
C ALA A 131 6.11 -10.62 -6.92
N GLU A 132 5.35 -11.70 -6.79
CA GLU A 132 5.14 -12.34 -5.50
C GLU A 132 4.04 -11.68 -4.67
N LEU A 133 3.56 -10.52 -5.11
CA LEU A 133 2.47 -9.85 -4.41
C LEU A 133 1.25 -10.76 -4.28
N GLY A 134 0.73 -10.88 -3.07
CA GLY A 134 -0.42 -11.73 -2.82
C GLY A 134 -1.70 -11.15 -3.40
N PRO A 135 -2.82 -11.87 -3.23
CA PRO A 135 -4.11 -11.46 -3.80
C PRO A 135 -4.66 -10.19 -3.14
N GLU A 136 -5.47 -9.45 -3.88
CA GLU A 136 -6.17 -8.30 -3.32
C GLU A 136 -7.07 -8.75 -2.18
N PRO A 137 -7.05 -8.03 -1.05
CA PRO A 137 -7.88 -8.47 0.09
C PRO A 137 -9.37 -8.48 -0.24
N LEU A 138 -9.79 -7.66 -1.19
CA LEU A 138 -11.21 -7.58 -1.53
C LEU A 138 -11.59 -8.46 -2.73
N SER A 139 -10.66 -9.31 -3.16
CA SER A 139 -10.91 -10.19 -4.31
C SER A 139 -11.25 -11.61 -3.85
N PRO A 140 -11.97 -12.34 -4.71
CA PRO A 140 -12.29 -13.75 -4.41
C PRO A 140 -11.01 -14.56 -4.24
N ALA A 141 -9.93 -14.09 -4.85
CA ALA A 141 -8.64 -14.77 -4.76
C ALA A 141 -8.12 -14.82 -3.32
N PHE A 142 -8.49 -13.83 -2.52
CA PHE A 142 -8.17 -13.88 -1.09
C PHE A 142 -9.34 -14.50 -0.34
N SER A 143 -9.19 -15.77 0.03
CA SER A 143 -10.27 -16.51 0.67
C SER A 143 -9.81 -17.08 2.01
N PRO A 144 -10.78 -17.49 2.85
CA PRO A 144 -10.44 -18.16 4.10
C PRO A 144 -9.52 -19.34 3.85
N ALA A 145 -9.78 -20.10 2.79
CA ALA A 145 -8.97 -21.26 2.47
C ALA A 145 -7.52 -20.87 2.20
N VAL A 146 -7.33 -19.78 1.47
CA VAL A 146 -5.99 -19.30 1.17
C VAL A 146 -5.27 -18.84 2.43
N LEU A 147 -6.00 -18.11 3.29
CA LEU A 147 -5.44 -17.64 4.54
C LEU A 147 -5.09 -18.82 5.45
N ALA A 148 -5.98 -19.80 5.49
CA ALA A 148 -5.76 -21.00 6.29
C ALA A 148 -4.49 -21.72 5.85
N GLU A 149 -4.30 -21.85 4.55
CA GLU A 149 -3.14 -22.55 4.01
C GLU A 149 -1.83 -21.90 4.45
N ARG A 150 -1.79 -20.57 4.44
CA ARG A 150 -0.60 -19.85 4.83
C ARG A 150 -0.39 -19.93 6.34
N ALA A 151 -1.49 -19.92 7.09
CA ALA A 151 -1.44 -19.92 8.55
C ALA A 151 -0.86 -21.22 9.12
N VAL A 152 -1.26 -22.35 8.55
CA VAL A 152 -0.84 -23.65 9.06
C VAL A 152 0.63 -23.95 8.78
N LYS A 153 1.18 -23.33 7.74
CA LYS A 153 2.52 -23.67 7.28
C LYS A 153 3.61 -22.76 7.84
N THR A 154 3.27 -21.91 8.79
CA THR A 154 4.25 -20.98 9.35
C THR A 154 4.32 -21.05 10.88
N LYS A 155 5.43 -20.57 11.43
CA LYS A 155 5.61 -20.52 12.88
C LYS A 155 5.43 -19.10 13.40
N ARG A 156 5.19 -18.16 12.49
CA ARG A 156 5.08 -16.74 12.84
CA ARG A 156 5.07 -16.75 12.85
C ARG A 156 3.75 -16.43 13.51
N SER A 157 3.67 -15.24 14.09
CA SER A 157 2.43 -14.75 14.70
C SER A 157 1.42 -14.44 13.61
N VAL A 158 0.15 -14.39 13.99
CA VAL A 158 -0.91 -14.05 13.03
C VAL A 158 -0.70 -12.63 12.50
N LYS A 159 -0.24 -11.72 13.34
CA LYS A 159 0.04 -10.36 12.89
C LYS A 159 1.13 -10.34 11.82
N ALA A 160 2.20 -11.10 12.05
CA ALA A 160 3.28 -11.21 11.07
C ALA A 160 2.74 -11.72 9.74
N LEU A 161 1.83 -12.70 9.82
CA LEU A 161 1.25 -13.30 8.63
C LEU A 161 0.49 -12.27 7.80
N LEU A 162 -0.34 -11.47 8.46
CA LEU A 162 -1.18 -10.51 7.77
C LEU A 162 -0.38 -9.35 7.17
N LEU A 163 0.77 -9.05 7.77
CA LEU A 163 1.64 -7.98 7.27
C LEU A 163 2.46 -8.42 6.07
N ASP A 164 2.44 -9.72 5.79
CA ASP A 164 3.24 -10.31 4.71
C ASP A 164 2.58 -10.04 3.36
N CYS A 165 3.25 -9.26 2.52
CA CYS A 165 2.65 -8.84 1.24
C CYS A 165 2.44 -10.02 0.29
N THR A 166 3.10 -11.15 0.54
CA THR A 166 2.93 -12.33 -0.29
C THR A 166 1.64 -13.07 0.09
N VAL A 167 1.16 -12.82 1.31
CA VAL A 167 -0.04 -13.46 1.81
C VAL A 167 -1.29 -12.73 1.33
N VAL A 168 -1.26 -11.41 1.45
CA VAL A 168 -2.38 -10.56 1.07
C VAL A 168 -1.82 -9.19 0.72
N ALA A 169 -2.33 -8.57 -0.34
CA ALA A 169 -1.73 -7.37 -0.90
C ALA A 169 -2.04 -6.07 -0.15
N GLY A 170 -1.02 -5.49 0.47
CA GLY A 170 -1.11 -4.13 0.98
C GLY A 170 -1.97 -3.92 2.21
N PHE A 171 -2.05 -4.94 3.06
CA PHE A 171 -2.85 -4.84 4.28
C PHE A 171 -1.99 -4.22 5.39
N GLY A 172 -2.28 -2.97 5.72
CA GLY A 172 -1.41 -2.19 6.58
C GLY A 172 -1.58 -2.42 8.08
N ASN A 173 -0.60 -1.94 8.85
CA ASN A 173 -0.57 -2.12 10.31
C ASN A 173 -1.87 -1.74 10.98
N ILE A 174 -2.41 -0.57 10.65
CA ILE A 174 -3.66 -0.10 11.24
C ILE A 174 -4.77 -1.12 11.02
N TYR A 175 -4.88 -1.63 9.79
CA TYR A 175 -5.97 -2.55 9.49
C TYR A 175 -5.74 -3.94 10.06
N VAL A 176 -4.48 -4.33 10.21
CA VAL A 176 -4.17 -5.58 10.88
C VAL A 176 -4.66 -5.52 12.33
N ASP A 177 -4.28 -4.48 13.07
CA ASP A 177 -4.70 -4.35 14.47
C ASP A 177 -6.22 -4.25 14.59
N GLU A 178 -6.85 -3.42 13.77
CA GLU A 178 -8.30 -3.28 13.80
C GLU A 178 -9.03 -4.58 13.47
N SER A 179 -8.55 -5.29 12.44
CA SER A 179 -9.16 -6.55 12.04
C SER A 179 -9.05 -7.61 13.12
N LEU A 180 -7.88 -7.69 13.75
CA LEU A 180 -7.66 -8.66 14.80
C LEU A 180 -8.53 -8.35 16.02
N PHE A 181 -8.69 -7.08 16.35
CA PHE A 181 -9.59 -6.73 17.45
C PHE A 181 -11.02 -7.16 17.12
N ARG A 182 -11.48 -6.81 15.92
CA ARG A 182 -12.84 -7.12 15.51
C ARG A 182 -13.09 -8.62 15.43
N ALA A 183 -12.03 -9.38 15.17
CA ALA A 183 -12.12 -10.84 15.10
C ALA A 183 -11.91 -11.51 16.46
N GLY A 184 -11.47 -10.74 17.45
CA GLY A 184 -11.30 -11.25 18.81
C GLY A 184 -10.06 -12.11 18.99
N ILE A 185 -9.01 -11.81 18.22
CA ILE A 185 -7.79 -12.62 18.22
C ILE A 185 -6.58 -11.76 18.62
N LEU A 186 -5.81 -12.23 19.59
CA LEU A 186 -4.59 -11.53 19.99
C LEU A 186 -3.58 -11.54 18.86
N PRO A 187 -2.91 -10.40 18.60
CA PRO A 187 -1.97 -10.30 17.50
C PRO A 187 -0.74 -11.20 17.65
N GLY A 188 -0.38 -11.54 18.89
CA GLY A 188 0.79 -12.36 19.14
C GLY A 188 0.54 -13.85 19.05
N ARG A 189 -0.72 -14.24 18.83
CA ARG A 189 -1.07 -15.65 18.67
C ARG A 189 -0.27 -16.22 17.52
N PRO A 190 0.33 -17.42 17.69
CA PRO A 190 0.92 -18.05 16.52
C PRO A 190 -0.16 -18.28 15.46
N ALA A 191 0.15 -18.00 14.20
CA ALA A 191 -0.84 -18.13 13.13
C ALA A 191 -1.40 -19.55 13.05
N ALA A 192 -0.54 -20.52 13.31
CA ALA A 192 -0.94 -21.92 13.23
C ALA A 192 -1.88 -22.35 14.36
N SER A 193 -2.02 -21.48 15.36
CA SER A 193 -2.86 -21.79 16.52
C SER A 193 -4.32 -21.42 16.30
N LEU A 194 -4.59 -20.64 15.25
CA LEU A 194 -5.95 -20.24 14.93
C LEU A 194 -6.79 -21.42 14.44
N SER A 195 -7.97 -21.57 15.01
CA SER A 195 -8.92 -22.59 14.57
C SER A 195 -9.48 -22.19 13.21
N SER A 196 -10.15 -23.13 12.54
CA SER A 196 -10.76 -22.82 11.26
C SER A 196 -11.84 -21.76 11.46
N LYS A 197 -12.49 -21.80 12.62
CA LYS A 197 -13.49 -20.81 12.97
C LYS A 197 -12.86 -19.41 13.09
N GLU A 198 -11.69 -19.35 13.71
CA GLU A 198 -10.99 -18.09 13.87
C GLU A 198 -10.46 -17.55 12.53
N ILE A 199 -10.03 -18.46 11.65
CA ILE A 199 -9.56 -18.05 10.34
C ILE A 199 -10.70 -17.42 9.53
N GLU A 200 -11.87 -18.07 9.56
CA GLU A 200 -13.03 -17.55 8.85
C GLU A 200 -13.44 -16.19 9.40
N ARG A 201 -13.47 -16.08 10.73
CA ARG A 201 -13.83 -14.82 11.37
C ARG A 201 -12.84 -13.72 11.01
N LEU A 202 -11.56 -14.05 11.03
CA LEU A 202 -10.52 -13.08 10.72
C LEU A 202 -10.62 -12.61 9.27
N HIS A 203 -10.79 -13.55 8.34
CA HIS A 203 -10.96 -13.18 6.94
C HIS A 203 -12.13 -12.23 6.78
N GLU A 204 -13.24 -12.59 7.43
CA GLU A 204 -14.46 -11.79 7.39
C GLU A 204 -14.20 -10.36 7.86
N GLU A 205 -13.52 -10.22 9.00
CA GLU A 205 -13.23 -8.90 9.55
C GLU A 205 -12.21 -8.13 8.71
N MET A 206 -11.26 -8.85 8.13
CA MET A 206 -10.29 -8.21 7.25
C MET A 206 -11.01 -7.56 6.07
N VAL A 207 -11.86 -8.33 5.41
CA VAL A 207 -12.61 -7.83 4.26
C VAL A 207 -13.53 -6.68 4.65
N ALA A 208 -14.22 -6.82 5.78
CA ALA A 208 -15.13 -5.79 6.25
C ALA A 208 -14.40 -4.50 6.61
N THR A 209 -13.28 -4.63 7.31
CA THR A 209 -12.54 -3.46 7.79
C THR A 209 -11.98 -2.64 6.63
N ILE A 210 -11.28 -3.32 5.73
CA ILE A 210 -10.66 -2.61 4.62
C ILE A 210 -11.70 -2.22 3.57
N GLY A 211 -12.73 -3.05 3.41
CA GLY A 211 -13.83 -2.74 2.51
C GLY A 211 -14.56 -1.47 2.92
N GLU A 212 -14.90 -1.37 4.20
CA GLU A 212 -15.54 -0.17 4.73
C GLU A 212 -14.70 1.07 4.45
N ALA A 213 -13.38 0.94 4.63
CA ALA A 213 -12.48 2.07 4.47
C ALA A 213 -12.38 2.52 3.01
N VAL A 214 -12.38 1.57 2.10
CA VAL A 214 -12.32 1.88 0.68
C VAL A 214 -13.56 2.67 0.26
N MET A 215 -14.70 2.39 0.89
CA MET A 215 -15.95 3.05 0.56
C MET A 215 -16.06 4.43 1.21
N HIS A 237 -14.11 5.23 12.58
CA HIS A 237 -13.56 5.23 13.93
C HIS A 237 -12.61 4.05 14.14
N LEU A 238 -11.76 4.15 15.15
CA LEU A 238 -10.82 3.09 15.47
C LEU A 238 -11.14 2.47 16.82
N TYR A 239 -10.92 1.17 16.94
CA TYR A 239 -11.14 0.47 18.20
C TYR A 239 -9.88 0.39 19.05
N VAL A 240 -8.74 0.20 18.40
CA VAL A 240 -7.51 -0.04 19.14
C VAL A 240 -6.31 0.77 18.65
N TYR A 241 -6.18 0.94 17.35
CA TYR A 241 -5.00 1.59 16.80
C TYR A 241 -4.82 3.00 17.36
N GLY A 242 -3.68 3.22 18.00
CA GLY A 242 -3.34 4.52 18.56
C GLY A 242 -4.13 4.88 19.80
N ARG A 243 -4.86 3.92 20.37
CA ARG A 243 -5.72 4.21 21.51
C ARG A 243 -5.19 3.68 22.84
N GLN A 244 -3.90 3.36 22.89
CA GLN A 244 -3.32 2.77 24.09
C GLN A 244 -3.58 3.65 25.31
N GLY A 245 -3.96 3.03 26.41
CA GLY A 245 -4.23 3.76 27.64
C GLY A 245 -5.67 4.25 27.72
N ASN A 246 -6.37 4.23 26.59
CA ASN A 246 -7.77 4.62 26.56
C ASN A 246 -8.66 3.38 26.71
N PRO A 247 -9.89 3.58 27.20
CA PRO A 247 -10.80 2.44 27.38
C PRO A 247 -11.24 1.82 26.07
N CYS A 248 -11.28 0.49 26.05
CA CYS A 248 -11.83 -0.23 24.92
C CYS A 248 -13.27 0.23 24.69
N LYS A 249 -13.64 0.44 23.43
CA LYS A 249 -14.98 0.91 23.10
C LYS A 249 -16.05 -0.16 23.27
N ARG A 250 -15.62 -1.42 23.44
CA ARG A 250 -16.56 -2.52 23.63
C ARG A 250 -16.64 -2.99 25.09
N CYS A 251 -15.54 -2.91 25.83
CA CYS A 251 -15.55 -3.45 27.18
C CYS A 251 -14.98 -2.52 28.26
N GLY A 252 -14.37 -1.43 27.86
CA GLY A 252 -13.85 -0.47 28.81
C GLY A 252 -12.46 -0.76 29.37
N THR A 253 -11.92 -1.94 29.04
CA THR A 253 -10.58 -2.31 29.48
C THR A 253 -9.56 -1.42 28.76
N PRO A 254 -8.52 -0.95 29.48
CA PRO A 254 -7.54 -0.11 28.79
C PRO A 254 -6.86 -0.83 27.64
N ILE A 255 -6.85 -0.20 26.48
CA ILE A 255 -6.13 -0.73 25.33
C ILE A 255 -4.64 -0.73 25.63
N GLU A 256 -3.95 -1.79 25.21
CA GLU A 256 -2.53 -1.90 25.47
C GLU A 256 -1.73 -1.85 24.17
N LYS A 257 -0.48 -1.48 24.28
CA LYS A 257 0.40 -1.42 23.12
C LYS A 257 1.71 -2.14 23.43
N THR A 258 2.11 -3.02 22.52
CA THR A 258 3.38 -3.72 22.63
C THR A 258 4.01 -3.77 21.25
N VAL A 259 5.10 -4.53 21.14
CA VAL A 259 5.75 -4.74 19.86
C VAL A 259 5.52 -6.17 19.38
N VAL A 260 4.93 -6.32 18.20
CA VAL A 260 4.72 -7.62 17.60
C VAL A 260 5.13 -7.54 16.13
N ALA A 261 5.88 -8.54 15.66
CA ALA A 261 6.41 -8.52 14.30
C ALA A 261 7.17 -7.23 14.04
N GLY A 262 7.85 -6.73 15.08
CA GLY A 262 8.65 -5.53 14.98
C GLY A 262 7.87 -4.25 14.75
N ARG A 263 6.57 -4.25 15.06
CA ARG A 263 5.74 -3.08 14.84
C ARG A 263 4.89 -2.73 16.04
N GLY A 264 4.54 -1.44 16.16
CA GLY A 264 3.62 -0.99 17.18
C GLY A 264 2.34 -1.78 17.07
N THR A 265 1.89 -2.35 18.17
CA THR A 265 0.76 -3.25 18.13
C THR A 265 -0.22 -2.98 19.26
N HIS A 266 -1.47 -2.73 18.89
CA HIS A 266 -2.49 -2.30 19.83
C HIS A 266 -3.58 -3.34 19.93
N TYR A 267 -4.04 -3.61 21.14
CA TYR A 267 -5.03 -4.65 21.34
C TYR A 267 -5.75 -4.47 22.66
N CYS A 268 -6.93 -5.07 22.78
CA CYS A 268 -7.62 -5.15 24.05
C CYS A 268 -7.40 -6.54 24.63
N PRO A 269 -6.82 -6.60 25.83
CA PRO A 269 -6.48 -7.88 26.47
C PRO A 269 -7.71 -8.64 26.93
N ARG A 270 -8.89 -8.02 26.89
CA ARG A 270 -10.12 -8.72 27.26
C ARG A 270 -10.89 -9.24 26.06
N CYS A 271 -11.10 -8.39 25.05
CA CYS A 271 -11.85 -8.77 23.85
C CYS A 271 -11.08 -9.75 22.96
N GLN A 272 -9.76 -9.67 23.01
CA GLN A 272 -8.92 -10.50 22.14
C GLN A 272 -8.28 -11.64 22.92
N ARG A 273 -8.24 -12.82 22.30
CA ARG A 273 -7.73 -14.01 22.98
C ARG A 273 -6.80 -14.84 22.12
#